data_1NBQ
#
_entry.id   1NBQ
#
_cell.length_a   116.8
_cell.length_b   61.8
_cell.length_c   82.9
_cell.angle_alpha   90.0
_cell.angle_beta   120.01
_cell.angle_gamma   90.0
#
_symmetry.space_group_name_H-M   'C 1 2 1'
#
loop_
_entity.id
_entity.type
_entity.pdbx_description
1 polymer 'Junctional adhesion molecule 1'
2 water water
#
_entity_poly.entity_id   1
_entity_poly.type   'polypeptide(L)'
_entity_poly.pdbx_seq_one_letter_code
;AMGSVTVHSSEPEVRIPENNPVKLSCAYSGFSSPRVEWKFDQGDTTRLVCYNNKITASYEDRVTFLPTGITFKSVTREDT
GTYTCMVSEEGGNSYGEVKVKLIVLVPPSKPTVNIPSSATIGNRAVLTCSEQDGSPPSEYTWFKDGIVMPTNPKSTRAFS
NSSYVLNPTTGELVFDPLSASDTGEYSCEARNGYGTPMTSNAVRMEAVE
;
_entity_poly.pdbx_strand_id   A,B
#
# COMPACT_ATOMS: atom_id res chain seq x y z
N ALA A 1 -68.56 -0.64 18.62
CA ALA A 1 -68.73 -1.84 17.75
C ALA A 1 -67.40 -2.47 17.25
N MET A 2 -66.58 -3.00 18.19
CA MET A 2 -65.32 -3.71 17.83
C MET A 2 -65.75 -5.15 17.31
N GLY A 3 -65.08 -5.57 16.23
CA GLY A 3 -65.35 -6.89 15.64
C GLY A 3 -64.05 -7.66 15.94
N SER A 4 -64.04 -8.98 15.84
CA SER A 4 -62.72 -9.68 15.99
C SER A 4 -62.02 -9.72 14.62
N VAL A 5 -60.85 -9.07 14.44
CA VAL A 5 -60.20 -8.97 13.13
C VAL A 5 -58.81 -9.57 12.95
N THR A 6 -58.40 -9.72 11.69
CA THR A 6 -57.09 -10.28 11.30
C THR A 6 -56.38 -9.55 10.15
N VAL A 7 -55.06 -9.49 10.25
CA VAL A 7 -54.23 -8.85 9.25
C VAL A 7 -52.92 -9.66 9.26
N HIS A 8 -52.65 -10.36 8.15
CA HIS A 8 -51.43 -11.19 7.97
C HIS A 8 -50.89 -11.15 6.51
N SER A 9 -49.68 -11.64 6.30
CA SER A 9 -49.17 -11.73 4.91
C SER A 9 -48.53 -13.05 4.57
N SER A 10 -48.98 -13.65 3.47
CA SER A 10 -48.43 -14.92 3.07
C SER A 10 -46.91 -14.79 3.06
N GLU A 11 -46.37 -13.64 2.68
CA GLU A 11 -44.95 -13.56 2.64
C GLU A 11 -44.25 -12.63 3.57
N PRO A 12 -44.16 -13.03 4.84
CA PRO A 12 -43.55 -12.33 5.98
C PRO A 12 -42.10 -11.79 5.74
N GLU A 13 -41.42 -12.36 4.72
CA GLU A 13 -40.05 -11.97 4.32
C GLU A 13 -39.83 -12.21 2.83
N VAL A 14 -40.26 -11.26 1.99
CA VAL A 14 -40.08 -11.32 0.52
C VAL A 14 -38.60 -11.14 0.17
N ARG A 15 -38.19 -11.66 -0.99
CA ARG A 15 -36.80 -11.55 -1.55
C ARG A 15 -36.85 -11.62 -3.07
N ILE A 16 -36.34 -10.58 -3.70
CA ILE A 16 -36.30 -10.55 -5.14
C ILE A 16 -35.29 -9.47 -5.45
N PRO A 17 -34.52 -9.67 -6.53
CA PRO A 17 -33.46 -8.82 -7.10
C PRO A 17 -33.98 -7.63 -7.94
N GLU A 18 -33.06 -6.69 -8.18
CA GLU A 18 -33.34 -5.43 -8.91
C GLU A 18 -34.15 -5.42 -10.20
N ASN A 19 -35.03 -4.46 -10.33
CA ASN A 19 -35.84 -4.32 -11.54
C ASN A 19 -37.03 -5.15 -11.85
N ASN A 20 -37.13 -6.32 -11.22
CA ASN A 20 -38.27 -7.21 -11.45
C ASN A 20 -39.47 -6.72 -10.66
N PRO A 21 -40.70 -6.97 -11.18
CA PRO A 21 -41.82 -6.50 -10.37
C PRO A 21 -42.00 -7.49 -9.17
N VAL A 22 -42.74 -7.04 -8.14
CA VAL A 22 -43.05 -7.87 -6.96
C VAL A 22 -44.27 -7.35 -6.20
N LYS A 23 -45.03 -8.30 -5.69
CA LYS A 23 -46.23 -7.99 -4.93
C LYS A 23 -45.92 -8.19 -3.50
N LEU A 24 -46.59 -7.38 -2.72
CA LEU A 24 -46.45 -7.46 -1.29
C LEU A 24 -47.89 -7.80 -0.88
N SER A 25 -48.08 -8.99 -0.27
CA SER A 25 -49.41 -9.40 0.17
C SER A 25 -49.71 -8.91 1.58
N CYS A 26 -51.01 -8.76 1.80
CA CYS A 26 -51.58 -8.27 3.04
C CYS A 26 -53.04 -8.69 2.92
N ALA A 27 -53.38 -9.85 3.48
CA ALA A 27 -54.76 -10.34 3.48
C ALA A 27 -55.26 -10.10 4.92
N TYR A 28 -56.37 -9.37 4.98
CA TYR A 28 -56.99 -8.93 6.24
C TYR A 28 -58.45 -9.38 6.24
N SER A 29 -59.01 -9.56 7.42
CA SER A 29 -60.41 -9.98 7.51
C SER A 29 -60.99 -9.64 8.87
N GLY A 30 -62.23 -9.16 8.83
CA GLY A 30 -62.89 -8.81 10.06
C GLY A 30 -63.36 -7.39 9.96
N PHE A 31 -63.00 -6.82 8.81
CA PHE A 31 -63.27 -5.43 8.51
C PHE A 31 -64.43 -5.21 7.53
N SER A 32 -65.36 -4.33 7.91
CA SER A 32 -66.56 -3.95 7.13
C SER A 32 -66.41 -2.77 6.14
N SER A 33 -65.66 -1.74 6.54
CA SER A 33 -65.31 -0.52 5.75
C SER A 33 -63.80 -0.29 6.12
N PRO A 34 -62.90 -1.13 5.59
CA PRO A 34 -61.51 -0.88 5.99
C PRO A 34 -60.73 0.16 5.20
N ARG A 35 -59.79 0.77 5.92
CA ARG A 35 -58.89 1.73 5.42
C ARG A 35 -57.51 1.13 5.47
N VAL A 36 -57.07 0.64 4.33
CA VAL A 36 -55.75 0.06 4.22
C VAL A 36 -54.75 1.15 3.81
N GLU A 37 -53.57 1.10 4.46
CA GLU A 37 -52.43 2.03 4.23
C GLU A 37 -51.09 1.35 4.38
N TRP A 38 -50.18 1.55 3.43
CA TRP A 38 -48.88 0.94 3.58
C TRP A 38 -47.85 1.99 3.96
N LYS A 39 -46.88 1.66 4.81
CA LYS A 39 -45.86 2.61 5.18
C LYS A 39 -44.49 1.95 5.03
N PHE A 40 -43.50 2.75 4.67
CA PHE A 40 -42.14 2.24 4.47
C PHE A 40 -41.13 2.58 5.62
N ASP A 41 -40.20 1.66 5.84
CA ASP A 41 -39.22 1.83 6.90
C ASP A 41 -37.84 1.20 6.67
N GLN A 42 -36.81 2.02 6.88
CA GLN A 42 -35.43 1.60 6.78
C GLN A 42 -34.59 2.67 7.47
N GLY A 43 -33.83 2.20 8.47
CA GLY A 43 -32.99 3.11 9.23
C GLY A 43 -33.80 4.20 9.90
N ASP A 44 -33.64 5.45 9.48
CA ASP A 44 -34.40 6.57 10.05
C ASP A 44 -35.39 7.16 9.05
N THR A 45 -35.38 6.62 7.84
CA THR A 45 -36.27 7.09 6.78
C THR A 45 -37.52 6.26 7.00
N THR A 46 -38.68 6.92 6.80
CA THR A 46 -40.03 6.35 6.95
C THR A 46 -40.95 7.18 6.06
N ARG A 47 -41.43 6.63 4.95
CA ARG A 47 -42.41 7.35 4.13
C ARG A 47 -43.60 6.47 3.68
N LEU A 48 -44.80 7.02 3.68
CA LEU A 48 -45.98 6.27 3.28
C LEU A 48 -46.07 5.77 1.82
N VAL A 49 -46.28 4.49 1.59
CA VAL A 49 -46.40 3.98 0.23
C VAL A 49 -47.87 3.98 -0.28
N CYS A 50 -48.78 3.86 0.68
CA CYS A 50 -50.22 3.83 0.36
C CYS A 50 -50.85 4.64 1.45
N TYR A 51 -51.72 5.54 1.08
CA TYR A 51 -52.40 6.37 2.05
C TYR A 51 -53.84 6.54 1.57
N ASN A 52 -54.80 6.22 2.42
CA ASN A 52 -56.16 6.28 2.02
C ASN A 52 -56.50 5.44 0.85
N ASN A 53 -56.16 4.17 1.00
CA ASN A 53 -56.49 3.13 0.00
C ASN A 53 -55.97 3.53 -1.39
N LYS A 54 -55.10 4.52 -1.39
CA LYS A 54 -54.56 5.02 -2.64
C LYS A 54 -53.02 4.99 -2.54
N ILE A 55 -52.34 4.71 -3.64
CA ILE A 55 -50.89 4.71 -3.55
C ILE A 55 -50.39 6.19 -3.55
N THR A 56 -49.45 6.50 -2.68
CA THR A 56 -48.96 7.86 -2.62
C THR A 56 -48.20 8.33 -3.86
N ALA A 57 -47.89 9.64 -3.90
CA ALA A 57 -47.20 10.34 -5.02
C ALA A 57 -45.99 9.66 -5.62
N SER A 58 -45.02 9.46 -4.74
CA SER A 58 -43.77 8.84 -5.10
C SER A 58 -43.80 7.42 -5.67
N TYR A 59 -44.96 6.76 -5.69
CA TYR A 59 -45.05 5.36 -6.18
C TYR A 59 -46.02 5.04 -7.35
N GLU A 60 -47.10 5.80 -7.48
CA GLU A 60 -48.09 5.54 -8.54
C GLU A 60 -47.54 5.11 -9.89
N ASP A 61 -46.37 5.63 -10.22
CA ASP A 61 -45.76 5.30 -11.48
C ASP A 61 -45.52 3.82 -11.55
N ARG A 62 -44.79 3.29 -10.57
CA ARG A 62 -44.48 1.85 -10.50
C ARG A 62 -45.43 0.96 -9.68
N VAL A 63 -45.73 1.40 -8.47
CA VAL A 63 -46.60 0.69 -7.50
C VAL A 63 -48.13 0.72 -7.63
N THR A 64 -48.71 -0.41 -7.93
CA THR A 64 -50.14 -0.51 -8.05
C THR A 64 -50.77 -1.05 -6.72
N PHE A 65 -52.10 -0.89 -6.56
CA PHE A 65 -52.81 -1.28 -5.33
C PHE A 65 -53.98 -2.28 -5.43
N LEU A 66 -54.03 -3.17 -4.43
CA LEU A 66 -55.06 -4.22 -4.31
C LEU A 66 -55.58 -4.57 -2.91
N PRO A 67 -56.81 -5.13 -2.84
CA PRO A 67 -57.37 -5.50 -1.53
C PRO A 67 -56.42 -6.51 -0.85
N THR A 68 -55.66 -7.22 -1.68
CA THR A 68 -54.74 -8.23 -1.23
C THR A 68 -53.25 -7.83 -1.10
N GLY A 69 -52.89 -6.65 -1.60
CA GLY A 69 -51.50 -6.23 -1.54
C GLY A 69 -51.13 -5.21 -2.64
N ILE A 70 -49.86 -4.81 -2.57
CA ILE A 70 -49.31 -3.84 -3.48
C ILE A 70 -48.35 -4.47 -4.47
N THR A 71 -48.71 -4.37 -5.74
CA THR A 71 -47.87 -4.90 -6.78
C THR A 71 -46.98 -3.84 -7.42
N PHE A 72 -45.75 -4.22 -7.65
CA PHE A 72 -44.83 -3.31 -8.28
C PHE A 72 -44.67 -3.59 -9.75
N LYS A 73 -43.64 -2.97 -10.29
CA LYS A 73 -43.32 -3.10 -11.67
C LYS A 73 -41.83 -3.21 -11.69
N SER A 74 -41.16 -2.60 -10.73
CA SER A 74 -39.70 -2.66 -10.69
C SER A 74 -39.27 -2.20 -9.34
N VAL A 75 -38.11 -2.64 -8.87
CA VAL A 75 -37.57 -2.18 -7.58
C VAL A 75 -36.10 -1.70 -7.75
N THR A 76 -35.45 -1.29 -6.66
CA THR A 76 -34.06 -0.81 -6.67
C THR A 76 -33.56 -1.10 -5.27
N ARG A 77 -32.26 -0.96 -5.03
CA ARG A 77 -31.71 -1.22 -3.70
C ARG A 77 -32.13 -0.16 -2.68
N GLU A 78 -33.01 0.72 -3.13
CA GLU A 78 -33.58 1.78 -2.28
C GLU A 78 -34.76 1.17 -1.49
N ASP A 79 -35.60 0.39 -2.21
CA ASP A 79 -36.77 -0.30 -1.69
C ASP A 79 -36.48 -1.39 -0.68
N THR A 80 -35.21 -1.68 -0.45
CA THR A 80 -34.88 -2.71 0.50
C THR A 80 -35.24 -2.16 1.87
N GLY A 81 -36.34 -2.69 2.41
CA GLY A 81 -36.79 -2.28 3.73
C GLY A 81 -38.00 -3.06 4.18
N THR A 82 -38.47 -2.71 5.38
CA THR A 82 -39.66 -3.32 6.00
C THR A 82 -40.91 -2.52 5.65
N TYR A 83 -41.85 -3.23 5.07
CA TYR A 83 -43.11 -2.63 4.65
C TYR A 83 -44.19 -2.93 5.68
N THR A 84 -44.94 -1.92 6.12
CA THR A 84 -45.95 -2.16 7.12
C THR A 84 -47.34 -1.86 6.69
N CYS A 85 -48.11 -2.90 6.47
CA CYS A 85 -49.52 -2.75 6.07
C CYS A 85 -50.31 -2.30 7.31
N MET A 86 -51.40 -1.60 7.13
CA MET A 86 -52.09 -1.10 8.26
C MET A 86 -53.55 -0.94 7.94
N VAL A 87 -54.35 -1.93 8.37
CA VAL A 87 -55.80 -1.82 8.15
C VAL A 87 -56.57 -1.33 9.38
N SER A 88 -57.39 -0.32 9.21
CA SER A 88 -58.16 0.19 10.30
C SER A 88 -59.62 0.10 9.79
N GLU A 89 -60.58 0.29 10.71
CA GLU A 89 -61.99 0.21 10.38
C GLU A 89 -62.41 1.64 10.38
N GLU A 90 -63.16 2.10 9.38
CA GLU A 90 -63.59 3.51 9.33
C GLU A 90 -64.26 3.88 10.63
N GLY A 91 -63.89 5.02 11.19
CA GLY A 91 -64.44 5.45 12.47
C GLY A 91 -63.39 4.99 13.46
N GLY A 92 -62.84 3.81 13.24
CA GLY A 92 -61.79 3.31 14.10
C GLY A 92 -62.13 2.33 15.19
N ASN A 93 -63.11 1.45 14.98
CA ASN A 93 -63.46 0.44 16.02
C ASN A 93 -62.36 -0.64 16.10
N SER A 94 -62.03 -1.20 14.93
CA SER A 94 -61.02 -2.24 14.78
C SER A 94 -59.70 -1.71 14.07
N TYR A 95 -58.65 -2.53 14.02
CA TYR A 95 -57.37 -2.17 13.43
C TYR A 95 -56.32 -3.26 13.59
N GLY A 96 -55.60 -3.53 12.52
CA GLY A 96 -54.56 -4.55 12.51
C GLY A 96 -53.38 -4.08 11.71
N GLU A 97 -52.29 -4.88 11.67
CA GLU A 97 -51.02 -4.53 10.96
C GLU A 97 -50.03 -5.63 10.50
N VAL A 98 -49.96 -6.01 9.22
CA VAL A 98 -48.89 -6.99 8.82
C VAL A 98 -47.54 -6.27 8.44
N LYS A 99 -46.43 -6.77 8.97
CA LYS A 99 -45.08 -6.19 8.76
C LYS A 99 -44.20 -7.00 7.80
N VAL A 100 -44.31 -6.82 6.48
CA VAL A 100 -43.47 -7.55 5.48
C VAL A 100 -42.02 -7.01 5.26
N LYS A 101 -41.05 -7.92 5.19
CA LYS A 101 -39.67 -7.52 4.97
C LYS A 101 -39.20 -7.89 3.60
N LEU A 102 -38.61 -6.86 2.96
CA LEU A 102 -38.05 -6.92 1.61
C LEU A 102 -36.52 -6.75 1.54
N ILE A 103 -35.96 -7.61 0.71
CA ILE A 103 -34.56 -7.60 0.44
C ILE A 103 -34.55 -7.64 -1.08
N VAL A 104 -33.90 -6.60 -1.62
CA VAL A 104 -33.71 -6.46 -3.08
C VAL A 104 -32.27 -6.96 -3.38
N LEU A 105 -32.17 -8.02 -4.17
CA LEU A 105 -30.87 -8.61 -4.41
C LEU A 105 -30.00 -7.96 -5.54
N VAL A 106 -28.76 -7.67 -5.18
CA VAL A 106 -27.75 -7.03 -6.02
C VAL A 106 -26.48 -7.85 -5.80
N PRO A 107 -25.95 -8.45 -6.88
CA PRO A 107 -24.73 -9.27 -6.84
C PRO A 107 -23.57 -8.43 -6.34
N PRO A 108 -22.52 -9.03 -5.78
CA PRO A 108 -21.48 -8.07 -5.36
C PRO A 108 -20.59 -7.54 -6.56
N SER A 109 -20.09 -6.30 -6.43
CA SER A 109 -19.19 -5.67 -7.42
C SER A 109 -17.74 -5.89 -7.03
N LYS A 110 -16.79 -5.50 -7.87
CA LYS A 110 -15.41 -5.77 -7.48
C LYS A 110 -14.86 -5.04 -6.23
N PRO A 111 -14.34 -5.80 -5.28
CA PRO A 111 -13.78 -5.17 -4.07
C PRO A 111 -12.53 -4.29 -4.24
N THR A 112 -12.52 -3.11 -3.62
CA THR A 112 -11.31 -2.28 -3.68
C THR A 112 -10.48 -2.69 -2.50
N VAL A 113 -9.18 -2.84 -2.77
CA VAL A 113 -8.24 -3.29 -1.77
C VAL A 113 -7.01 -2.39 -1.54
N ASN A 114 -6.55 -2.38 -0.32
CA ASN A 114 -5.42 -1.55 -0.06
C ASN A 114 -4.39 -2.34 0.65
N ILE A 115 -3.77 -3.21 -0.10
CA ILE A 115 -2.69 -3.95 0.45
C ILE A 115 -1.50 -3.01 0.15
N PRO A 116 -0.62 -2.88 1.13
CA PRO A 116 0.49 -1.98 0.82
C PRO A 116 1.70 -2.84 0.37
N SER A 117 2.45 -2.30 -0.58
CA SER A 117 3.63 -2.94 -1.15
C SER A 117 4.53 -3.60 -0.13
N SER A 118 4.78 -2.88 0.96
CA SER A 118 5.62 -3.38 2.01
C SER A 118 5.16 -2.94 3.41
N ALA A 119 5.81 -3.52 4.44
CA ALA A 119 5.57 -3.22 5.87
C ALA A 119 6.78 -3.75 6.67
N THR A 120 7.08 -3.14 7.81
CA THR A 120 8.27 -3.62 8.53
C THR A 120 8.01 -4.82 9.43
N ILE A 121 8.88 -5.80 9.30
CA ILE A 121 8.84 -7.00 10.11
C ILE A 121 8.65 -6.60 11.58
N GLY A 122 7.49 -6.92 12.15
CA GLY A 122 7.26 -6.55 13.52
C GLY A 122 6.05 -5.65 13.78
N ASN A 123 5.92 -4.50 13.14
CA ASN A 123 4.77 -3.63 13.46
C ASN A 123 3.45 -3.99 12.84
N ARG A 124 2.39 -3.30 13.28
CA ARG A 124 1.06 -3.61 12.80
C ARG A 124 0.96 -3.50 11.26
N ALA A 125 0.17 -4.33 10.60
CA ALA A 125 0.03 -4.32 9.14
C ALA A 125 -1.41 -4.42 8.59
N VAL A 126 -2.15 -3.33 8.61
CA VAL A 126 -3.57 -3.30 8.16
C VAL A 126 -3.76 -3.38 6.64
N LEU A 127 -4.48 -4.38 6.16
CA LEU A 127 -4.76 -4.50 4.72
C LEU A 127 -6.29 -4.40 4.71
N THR A 128 -6.93 -4.33 3.54
CA THR A 128 -8.39 -4.24 3.50
C THR A 128 -9.05 -4.67 2.21
N CYS A 129 -10.36 -4.93 2.28
CA CYS A 129 -11.22 -5.31 1.14
C CYS A 129 -12.52 -4.64 1.50
N SER A 130 -13.37 -4.43 0.51
CA SER A 130 -14.66 -3.81 0.70
C SER A 130 -15.20 -3.82 -0.69
N GLU A 131 -16.51 -3.77 -0.76
CA GLU A 131 -17.25 -3.79 -1.98
C GLU A 131 -18.44 -3.00 -1.41
N GLN A 132 -19.40 -2.55 -2.24
CA GLN A 132 -20.51 -1.73 -1.72
C GLN A 132 -21.65 -1.51 -2.68
N ASP A 133 -22.17 -2.62 -3.19
CA ASP A 133 -23.29 -2.60 -4.16
C ASP A 133 -24.08 -3.89 -3.99
N GLY A 134 -23.42 -4.93 -3.47
CA GLY A 134 -24.07 -6.20 -3.27
C GLY A 134 -25.02 -6.13 -2.09
N SER A 135 -26.25 -6.57 -2.36
CA SER A 135 -27.28 -6.69 -1.35
C SER A 135 -27.92 -8.06 -1.50
N PRO A 136 -27.89 -8.85 -0.39
CA PRO A 136 -27.27 -8.42 0.86
C PRO A 136 -25.77 -8.18 0.79
N PRO A 137 -25.20 -7.59 1.84
CA PRO A 137 -23.78 -7.26 2.01
C PRO A 137 -22.78 -8.32 1.66
N SER A 138 -21.52 -7.93 1.55
CA SER A 138 -20.51 -8.89 1.19
C SER A 138 -19.82 -9.53 2.39
N GLU A 139 -19.52 -10.80 2.21
CA GLU A 139 -18.75 -11.51 3.17
C GLU A 139 -17.51 -11.61 2.25
N TYR A 140 -16.37 -11.39 2.89
CA TYR A 140 -15.06 -11.36 2.25
C TYR A 140 -14.22 -12.61 2.55
N THR A 141 -13.43 -13.04 1.58
CA THR A 141 -12.54 -14.21 1.74
C THR A 141 -11.08 -13.90 1.30
N TRP A 142 -10.19 -13.65 2.24
CA TRP A 142 -8.80 -13.36 1.94
C TRP A 142 -8.03 -14.55 1.36
N PHE A 143 -7.05 -14.31 0.51
CA PHE A 143 -6.24 -15.38 -0.05
C PHE A 143 -4.77 -15.05 0.13
N LYS A 144 -3.89 -15.96 -0.19
CA LYS A 144 -2.48 -15.68 -0.05
C LYS A 144 -1.85 -16.68 -0.98
N ASP A 145 -1.40 -16.22 -2.14
CA ASP A 145 -0.86 -17.13 -3.11
C ASP A 145 -2.04 -18.00 -3.53
N GLY A 146 -3.25 -17.47 -3.34
CA GLY A 146 -4.49 -18.15 -3.69
C GLY A 146 -5.03 -19.19 -2.69
N ILE A 147 -4.35 -19.36 -1.56
CA ILE A 147 -4.70 -20.32 -0.54
C ILE A 147 -5.54 -19.66 0.55
N VAL A 148 -6.88 -19.79 0.47
CA VAL A 148 -7.85 -19.19 1.43
C VAL A 148 -7.41 -18.98 2.84
N MET A 149 -7.71 -17.78 3.30
CA MET A 149 -7.36 -17.39 4.64
C MET A 149 -8.25 -17.99 5.77
N PRO A 150 -7.62 -18.76 6.70
CA PRO A 150 -8.20 -19.42 7.87
C PRO A 150 -8.57 -18.32 8.82
N THR A 151 -9.85 -18.06 8.99
CA THR A 151 -10.28 -17.04 9.93
C THR A 151 -9.49 -17.16 11.24
N ASN A 152 -9.06 -18.40 11.49
CA ASN A 152 -8.23 -18.72 12.67
C ASN A 152 -6.78 -19.01 12.29
N PRO A 153 -5.93 -18.03 12.62
CA PRO A 153 -4.46 -17.92 12.44
C PRO A 153 -3.70 -19.01 13.25
N LYS A 154 -4.11 -19.16 14.53
CA LYS A 154 -3.52 -20.15 15.41
C LYS A 154 -4.23 -21.46 15.09
N SER A 155 -3.92 -22.51 15.88
CA SER A 155 -4.48 -23.86 15.72
C SER A 155 -3.86 -24.54 14.47
N THR A 156 -4.18 -25.82 14.23
CA THR A 156 -3.67 -26.52 13.04
C THR A 156 -4.14 -25.71 11.78
N ARG A 157 -3.39 -25.87 10.69
CA ARG A 157 -3.64 -25.22 9.38
C ARG A 157 -2.35 -25.41 8.59
N ALA A 158 -1.45 -24.45 8.81
CA ALA A 158 -0.15 -24.33 8.17
C ALA A 158 0.18 -22.88 8.58
N PHE A 159 -0.89 -22.08 8.71
CA PHE A 159 -0.88 -20.66 9.09
C PHE A 159 -0.54 -20.37 10.57
N SER A 160 -0.46 -21.38 11.44
CA SER A 160 -0.15 -21.20 12.90
C SER A 160 1.20 -20.56 13.41
N ASN A 161 1.84 -19.77 12.55
CA ASN A 161 3.06 -19.04 12.88
C ASN A 161 2.83 -17.58 12.43
N SER A 162 1.66 -17.35 11.83
CA SER A 162 1.23 -16.02 11.37
C SER A 162 0.44 -15.37 12.53
N SER A 163 0.53 -14.04 12.66
CA SER A 163 -0.15 -13.31 13.75
C SER A 163 -1.41 -12.51 13.29
N TYR A 164 -2.14 -13.00 12.29
CA TYR A 164 -3.25 -12.15 11.85
C TYR A 164 -4.59 -12.19 12.56
N VAL A 165 -5.53 -11.40 12.05
CA VAL A 165 -6.89 -11.31 12.58
C VAL A 165 -7.66 -11.00 11.34
N LEU A 166 -8.80 -11.61 11.11
CA LEU A 166 -9.58 -11.37 9.92
C LEU A 166 -10.88 -10.80 10.37
N ASN A 167 -11.79 -10.52 9.45
CA ASN A 167 -13.11 -10.05 9.85
C ASN A 167 -14.01 -10.19 8.66
N PRO A 168 -14.67 -11.33 8.52
CA PRO A 168 -15.54 -11.54 7.36
C PRO A 168 -16.52 -10.46 6.92
N THR A 169 -16.60 -9.35 7.66
CA THR A 169 -17.53 -8.27 7.29
C THR A 169 -16.92 -6.85 7.32
N THR A 170 -15.64 -6.75 7.60
CA THR A 170 -14.92 -5.49 7.59
C THR A 170 -13.88 -5.63 6.53
N GLY A 171 -13.45 -6.89 6.34
CA GLY A 171 -12.43 -7.27 5.38
C GLY A 171 -11.09 -6.90 5.96
N GLU A 172 -11.13 -6.15 7.03
CA GLU A 172 -9.91 -5.70 7.64
C GLU A 172 -9.03 -6.90 7.99
N LEU A 173 -7.85 -6.94 7.41
CA LEU A 173 -6.94 -8.03 7.73
C LEU A 173 -5.77 -7.31 8.48
N VAL A 174 -5.41 -7.79 9.67
CA VAL A 174 -4.40 -7.05 10.42
C VAL A 174 -3.25 -7.86 11.06
N PHE A 175 -2.06 -7.75 10.49
CA PHE A 175 -0.89 -8.48 11.03
C PHE A 175 -0.32 -7.78 12.28
N ASP A 176 0.31 -8.53 13.21
CA ASP A 176 0.77 -7.89 14.45
C ASP A 176 1.41 -8.85 15.47
N PRO A 177 2.74 -9.12 15.40
CA PRO A 177 3.74 -8.61 14.47
C PRO A 177 3.59 -9.14 13.05
N LEU A 178 4.23 -8.43 12.15
CA LEU A 178 4.26 -8.86 10.78
C LEU A 178 5.53 -9.71 10.76
N SER A 179 5.44 -10.82 10.03
CA SER A 179 6.54 -11.75 9.96
C SER A 179 7.04 -11.87 8.52
N ALA A 180 8.34 -12.14 8.41
CA ALA A 180 9.03 -12.35 7.13
C ALA A 180 8.24 -13.38 6.29
N SER A 181 7.58 -14.29 7.02
CA SER A 181 6.77 -15.40 6.51
C SER A 181 5.54 -14.94 5.73
N ASP A 182 5.05 -13.72 6.07
CA ASP A 182 3.85 -13.11 5.46
C ASP A 182 3.96 -12.51 4.04
N THR A 183 5.14 -12.61 3.42
CA THR A 183 5.37 -12.13 2.05
C THR A 183 4.42 -12.92 1.11
N GLY A 184 3.46 -12.27 0.48
CA GLY A 184 2.63 -13.03 -0.41
C GLY A 184 1.61 -12.29 -1.24
N GLU A 185 1.31 -12.87 -2.39
CA GLU A 185 0.33 -12.31 -3.30
C GLU A 185 -1.13 -12.35 -2.67
N TYR A 186 -1.55 -11.27 -1.95
CA TYR A 186 -2.91 -11.19 -1.30
C TYR A 186 -4.04 -10.78 -2.17
N SER A 187 -5.26 -11.23 -1.90
CA SER A 187 -6.48 -10.88 -2.66
C SER A 187 -7.70 -11.21 -1.79
N CYS A 188 -8.90 -10.95 -2.29
CA CYS A 188 -10.13 -11.31 -1.61
C CYS A 188 -11.32 -11.27 -2.49
N GLU A 189 -12.14 -12.30 -2.31
CA GLU A 189 -13.37 -12.44 -3.07
C GLU A 189 -14.52 -11.92 -2.19
N ALA A 190 -15.54 -11.37 -2.81
CA ALA A 190 -16.62 -10.87 -2.02
C ALA A 190 -17.83 -11.60 -2.51
N ARG A 191 -18.52 -12.27 -1.59
CA ARG A 191 -19.75 -12.99 -1.94
C ARG A 191 -20.78 -12.58 -0.92
N ASN A 192 -22.00 -12.47 -1.38
CA ASN A 192 -23.08 -12.10 -0.52
C ASN A 192 -24.15 -13.21 -0.67
N GLY A 193 -23.72 -14.36 -1.19
CA GLY A 193 -24.64 -15.44 -1.45
C GLY A 193 -25.42 -15.22 -2.74
N TYR A 194 -25.28 -14.04 -3.35
CA TYR A 194 -26.01 -13.72 -4.60
C TYR A 194 -25.17 -13.42 -5.87
N GLY A 195 -25.65 -13.93 -7.02
CA GLY A 195 -24.97 -13.74 -8.30
C GLY A 195 -23.69 -14.55 -8.52
N THR A 196 -22.53 -13.87 -8.45
CA THR A 196 -21.17 -14.45 -8.63
C THR A 196 -20.20 -13.65 -7.76
N PRO A 197 -19.31 -14.33 -7.05
CA PRO A 197 -18.41 -13.49 -6.24
C PRO A 197 -17.16 -12.82 -6.92
N MET A 198 -17.08 -11.50 -6.83
CA MET A 198 -15.97 -10.76 -7.40
C MET A 198 -14.65 -10.83 -6.59
N THR A 199 -13.55 -11.10 -7.29
CA THR A 199 -12.21 -11.13 -6.68
C THR A 199 -11.44 -9.84 -7.01
N SER A 200 -10.83 -9.29 -5.99
CA SER A 200 -10.07 -8.09 -6.09
C SER A 200 -8.76 -8.32 -6.86
N ASN A 201 -7.96 -7.26 -6.90
CA ASN A 201 -6.65 -7.34 -7.52
C ASN A 201 -5.68 -8.05 -6.61
N ALA A 202 -4.95 -9.02 -7.12
CA ALA A 202 -3.96 -9.62 -6.25
C ALA A 202 -2.85 -8.58 -6.08
N VAL A 203 -2.41 -8.37 -4.84
CA VAL A 203 -1.34 -7.40 -4.54
C VAL A 203 -0.19 -8.05 -3.79
N ARG A 204 0.96 -8.26 -4.40
CA ARG A 204 2.07 -8.82 -3.64
C ARG A 204 2.50 -7.92 -2.51
N MET A 205 2.94 -8.49 -1.40
CA MET A 205 3.41 -7.74 -0.24
C MET A 205 4.68 -8.34 0.37
N GLU A 206 5.69 -7.51 0.67
CA GLU A 206 6.98 -8.00 1.26
C GLU A 206 7.34 -7.47 2.63
N ALA A 207 7.74 -8.37 3.51
CA ALA A 207 8.10 -8.05 4.86
C ALA A 207 9.53 -7.71 4.82
N VAL A 208 9.81 -6.42 4.96
CA VAL A 208 11.17 -5.92 4.94
C VAL A 208 11.69 -5.68 6.37
N GLU A 209 12.91 -6.16 6.61
CA GLU A 209 13.52 -6.02 7.90
C GLU A 209 14.43 -4.81 7.64
N MET B 2 61.96 24.70 8.72
CA MET B 2 61.79 23.81 7.54
C MET B 2 62.98 23.85 6.50
N GLY B 3 63.00 22.86 5.58
CA GLY B 3 63.89 22.73 4.39
C GLY B 3 62.81 22.78 3.24
N SER B 4 63.01 22.77 1.91
CA SER B 4 61.76 22.98 1.12
C SER B 4 61.18 21.62 0.68
N VAL B 5 60.00 21.19 1.15
CA VAL B 5 59.48 19.86 0.87
C VAL B 5 58.15 19.73 0.09
N THR B 6 57.88 18.52 -0.40
CA THR B 6 56.67 18.19 -1.15
C THR B 6 56.02 16.84 -0.82
N VAL B 7 54.70 16.83 -0.86
CA VAL B 7 53.92 15.62 -0.58
C VAL B 7 52.69 15.74 -1.48
N HIS B 8 52.58 14.82 -2.44
CA HIS B 8 51.45 14.78 -3.42
C HIS B 8 51.06 13.31 -3.79
N SER B 9 49.91 13.14 -4.44
CA SER B 9 49.56 11.79 -4.91
C SER B 9 49.05 11.74 -6.34
N SER B 10 49.66 10.87 -7.13
CA SER B 10 49.25 10.75 -8.50
C SER B 10 47.73 10.60 -8.54
N GLU B 11 47.15 9.91 -7.57
CA GLU B 11 45.74 9.73 -7.66
C GLU B 11 44.88 10.35 -6.60
N PRO B 12 44.70 11.67 -6.69
CA PRO B 12 43.91 12.54 -5.79
C PRO B 12 42.47 12.06 -5.48
N GLU B 13 41.92 11.17 -6.35
CA GLU B 13 40.58 10.59 -6.21
C GLU B 13 40.53 9.20 -6.82
N VAL B 14 40.97 8.17 -6.07
CA VAL B 14 40.94 6.75 -6.51
C VAL B 14 39.49 6.26 -6.56
N ARG B 15 39.24 5.23 -7.38
CA ARG B 15 37.90 4.57 -7.55
C ARG B 15 38.11 3.12 -7.98
N ILE B 16 37.58 2.21 -7.19
CA ILE B 16 37.70 0.81 -7.51
C ILE B 16 36.63 0.16 -6.66
N PRO B 17 35.98 -0.88 -7.18
CA PRO B 17 34.92 -1.73 -6.61
C PRO B 17 35.42 -2.79 -5.61
N GLU B 18 34.47 -3.33 -4.86
CA GLU B 18 34.72 -4.34 -3.80
C GLU B 18 35.66 -5.53 -4.02
N ASN B 19 36.46 -5.83 -3.03
CA ASN B 19 37.36 -6.96 -3.11
C ASN B 19 38.66 -6.96 -3.87
N ASN B 20 38.78 -6.06 -4.83
CA ASN B 20 40.00 -5.96 -5.63
C ASN B 20 41.09 -5.24 -4.86
N PRO B 21 42.37 -5.58 -5.10
CA PRO B 21 43.36 -4.84 -4.34
C PRO B 21 43.50 -3.41 -4.97
N VAL B 22 44.10 -2.48 -4.22
CA VAL B 22 44.35 -1.11 -4.70
C VAL B 22 45.45 -0.41 -3.89
N LYS B 23 46.23 0.38 -4.61
CA LYS B 23 47.32 1.11 -4.00
C LYS B 23 46.88 2.54 -3.86
N LEU B 24 47.39 3.13 -2.83
CA LEU B 24 47.14 4.52 -2.58
C LEU B 24 48.55 5.11 -2.67
N SER B 25 48.76 6.02 -3.64
CA SER B 25 50.08 6.64 -3.80
C SER B 25 50.19 7.90 -2.96
N CYS B 26 51.45 8.18 -2.62
CA CYS B 26 51.86 9.28 -1.80
C CYS B 26 53.35 9.39 -2.07
N ALA B 27 53.73 10.26 -3.02
CA ALA B 27 55.14 10.48 -3.36
C ALA B 27 55.47 11.85 -2.72
N TYR B 28 56.51 11.82 -1.89
CA TYR B 28 56.96 12.95 -1.10
C TYR B 28 58.45 13.18 -1.40
N SER B 29 58.90 14.41 -1.22
CA SER B 29 60.30 14.72 -1.46
C SER B 29 60.73 15.97 -0.74
N GLY B 30 61.93 15.91 -0.17
CA GLY B 30 62.44 17.06 0.55
C GLY B 30 62.80 16.64 1.94
N PHE B 31 62.50 15.36 2.17
CA PHE B 31 62.70 14.75 3.45
C PHE B 31 63.92 13.83 3.55
N SER B 32 64.75 14.05 4.59
CA SER B 32 65.98 13.29 4.88
C SER B 32 65.83 12.02 5.76
N SER B 33 64.96 12.10 6.78
CA SER B 33 64.61 11.00 7.73
C SER B 33 63.06 11.18 7.88
N PRO B 34 62.28 10.81 6.85
CA PRO B 34 60.84 11.04 7.06
C PRO B 34 60.07 9.95 7.79
N ARG B 35 59.02 10.42 8.45
CA ARG B 35 58.10 9.63 9.18
C ARG B 35 56.76 9.72 8.46
N VAL B 36 56.47 8.71 7.67
CA VAL B 36 55.23 8.65 6.95
C VAL B 36 54.19 7.91 7.79
N GLU B 37 52.96 8.46 7.79
CA GLU B 37 51.78 7.92 8.52
C GLU B 37 50.49 8.12 7.76
N TRP B 38 49.67 7.10 7.65
CA TRP B 38 48.41 7.29 6.94
C TRP B 38 47.27 7.32 7.96
N LYS B 39 46.25 8.14 7.75
CA LYS B 39 45.12 8.18 8.66
C LYS B 39 43.83 8.10 7.84
N PHE B 40 42.81 7.48 8.43
CA PHE B 40 41.52 7.31 7.76
C PHE B 40 40.39 8.25 8.26
N ASP B 41 39.52 8.62 7.33
CA ASP B 41 38.42 9.54 7.65
C ASP B 41 37.13 9.36 6.85
N GLN B 42 36.03 9.28 7.59
CA GLN B 42 34.69 9.19 7.02
C GLN B 42 33.71 9.52 8.13
N GLY B 43 32.90 10.55 7.86
CA GLY B 43 31.91 10.99 8.82
C GLY B 43 32.57 11.41 10.13
N ASP B 44 32.35 10.68 11.22
CA ASP B 44 32.96 11.02 12.51
C ASP B 44 34.00 9.97 12.94
N THR B 45 34.15 8.94 12.12
CA THR B 45 35.10 7.87 12.41
C THR B 45 36.39 8.39 11.78
N THR B 46 37.50 8.12 12.48
CA THR B 46 38.87 8.51 12.10
C THR B 46 39.81 7.51 12.77
N ARG B 47 40.43 6.61 12.03
CA ARG B 47 41.44 5.71 12.63
C ARG B 47 42.73 5.59 11.79
N LEU B 48 43.87 5.55 12.44
CA LEU B 48 45.14 5.44 11.73
C LEU B 48 45.42 4.16 10.91
N VAL B 49 45.74 4.27 9.64
CA VAL B 49 46.04 3.11 8.82
C VAL B 49 47.54 2.73 8.85
N CYS B 50 48.37 3.75 9.06
CA CYS B 50 49.83 3.56 9.09
C CYS B 50 50.28 4.46 10.20
N TYR B 51 51.10 3.93 11.07
CA TYR B 51 51.62 4.71 12.18
C TYR B 51 53.08 4.32 12.36
N ASN B 52 53.95 5.34 12.31
CA ASN B 52 55.34 5.14 12.52
C ASN B 52 56.00 4.28 11.45
N ASN B 53 55.63 4.54 10.17
CA ASN B 53 56.14 3.85 8.96
C ASN B 53 55.73 2.39 8.96
N LYS B 54 54.78 2.06 9.81
CA LYS B 54 54.33 0.69 9.93
C LYS B 54 52.80 0.68 9.79
N ILE B 55 52.27 -0.36 9.18
CA ILE B 55 50.81 -0.38 9.05
C ILE B 55 50.20 -0.80 10.43
N THR B 56 49.15 -0.10 10.85
CA THR B 56 48.55 -0.43 12.13
C THR B 56 47.89 -1.80 12.19
N ALA B 57 47.48 -2.19 13.43
CA ALA B 57 46.86 -3.50 13.75
C ALA B 57 45.75 -4.00 12.84
N SER B 58 44.73 -3.17 12.75
CA SER B 58 43.57 -3.47 11.95
C SER B 58 43.78 -3.65 10.44
N TYR B 59 44.98 -3.42 9.91
CA TYR B 59 45.23 -3.54 8.45
C TYR B 59 46.31 -4.51 7.96
N GLU B 60 47.35 -4.73 8.77
CA GLU B 60 48.46 -5.62 8.36
C GLU B 60 48.08 -6.86 7.56
N ASP B 61 46.91 -7.40 7.87
CA ASP B 61 46.46 -8.58 7.18
C ASP B 61 46.34 -8.28 5.71
N ARG B 62 45.56 -7.26 5.36
CA ARG B 62 45.35 -6.86 3.95
C ARG B 62 46.28 -5.77 3.40
N VAL B 63 46.44 -4.68 4.15
CA VAL B 63 47.25 -3.51 3.78
C VAL B 63 48.78 -3.53 3.94
N THR B 64 49.48 -3.48 2.83
CA THR B 64 50.92 -3.47 2.85
C THR B 64 51.45 -2.00 2.71
N PHE B 65 52.75 -1.79 3.04
CA PHE B 65 53.36 -0.45 3.03
C PHE B 65 54.61 -0.21 2.17
N LEU B 66 54.63 1.00 1.56
CA LEU B 66 55.72 1.45 0.68
C LEU B 66 56.12 2.92 0.74
N PRO B 67 57.39 3.22 0.33
CA PRO B 67 57.83 4.62 0.35
C PRO B 67 56.89 5.46 -0.55
N THR B 68 56.30 4.78 -1.51
CA THR B 68 55.40 5.41 -2.48
C THR B 68 53.88 5.32 -2.20
N GLY B 69 53.49 4.51 -1.23
CA GLY B 69 52.08 4.35 -0.94
C GLY B 69 51.74 3.02 -0.27
N ILE B 70 50.44 2.88 0.00
CA ILE B 70 49.91 1.72 0.67
C ILE B 70 49.10 0.84 -0.27
N THR B 71 49.57 -0.37 -0.45
CA THR B 71 48.89 -1.32 -1.31
C THR B 71 47.98 -2.26 -0.53
N PHE B 72 46.80 -2.49 -1.07
CA PHE B 72 45.89 -3.38 -0.44
C PHE B 72 45.89 -4.74 -1.08
N LYS B 73 44.88 -5.50 -0.72
CA LYS B 73 44.70 -6.82 -1.22
C LYS B 73 43.24 -6.93 -1.48
N SER B 74 42.43 -6.21 -0.72
CA SER B 74 41.00 -6.27 -0.92
C SER B 74 40.39 -5.12 -0.19
N VAL B 75 39.23 -4.65 -0.62
CA VAL B 75 38.53 -3.55 0.09
C VAL B 75 37.05 -3.95 0.36
N THR B 76 36.27 -3.05 0.96
CA THR B 76 34.85 -3.28 1.28
C THR B 76 34.23 -1.90 1.29
N ARG B 77 32.91 -1.81 1.36
CA ARG B 77 32.26 -0.49 1.37
C ARG B 77 32.49 0.25 2.68
N GLU B 78 33.35 -0.33 3.51
CA GLU B 78 33.74 0.26 4.79
C GLU B 78 34.88 1.27 4.52
N ASP B 79 35.84 0.83 3.68
CA ASP B 79 37.01 1.59 3.26
C ASP B 79 36.72 2.83 2.42
N THR B 80 35.45 3.02 2.07
CA THR B 80 35.11 4.18 1.27
C THR B 80 35.29 5.39 2.17
N GLY B 81 36.37 6.12 1.92
CA GLY B 81 36.65 7.32 2.66
C GLY B 81 37.86 8.05 2.15
N THR B 82 38.19 9.16 2.83
CA THR B 82 39.35 9.99 2.50
C THR B 82 40.57 9.56 3.33
N TYR B 83 41.62 9.25 2.60
CA TYR B 83 42.85 8.78 3.18
C TYR B 83 43.84 9.94 3.27
N THR B 84 44.47 10.17 4.42
CA THR B 84 45.40 11.27 4.53
C THR B 84 46.79 10.88 4.86
N CYS B 85 47.66 10.99 3.88
CA CYS B 85 49.08 10.66 4.07
C CYS B 85 49.72 11.81 4.88
N MET B 86 50.75 11.54 5.63
CA MET B 86 51.29 12.57 6.44
C MET B 86 52.75 12.33 6.68
N VAL B 87 53.59 13.05 5.91
CA VAL B 87 55.04 12.92 6.11
C VAL B 87 55.63 14.04 6.96
N SER B 88 56.38 13.68 7.97
CA SER B 88 57.02 14.67 8.80
C SER B 88 58.52 14.31 8.74
N GLU B 89 59.37 15.21 9.24
CA GLU B 89 60.80 15.04 9.23
C GLU B 89 61.10 14.71 10.66
N GLU B 90 61.91 13.68 10.92
CA GLU B 90 62.22 13.31 12.31
C GLU B 90 62.74 14.52 13.04
N GLY B 91 62.23 14.75 14.25
CA GLY B 91 62.61 15.92 15.03
C GLY B 91 61.51 16.91 14.74
N GLY B 92 61.09 16.95 13.48
CA GLY B 92 59.99 17.82 13.11
C GLY B 92 60.29 19.14 12.46
N ASN B 93 61.36 19.24 11.65
CA ASN B 93 61.68 20.53 10.97
C ASN B 93 60.67 20.79 9.83
N SER B 94 60.51 19.78 8.98
CA SER B 94 59.59 19.81 7.84
C SER B 94 58.31 18.91 8.04
N TYR B 95 57.34 18.98 7.13
CA TYR B 95 56.10 18.22 7.20
C TYR B 95 55.13 18.58 6.09
N GLY B 96 54.54 17.55 5.50
CA GLY B 96 53.59 17.73 4.41
C GLY B 96 52.46 16.74 4.55
N GLU B 97 51.45 16.82 3.66
CA GLU B 97 50.23 15.96 3.69
C GLU B 97 49.38 15.70 2.41
N VAL B 98 49.47 14.56 1.73
CA VAL B 98 48.51 14.35 0.58
C VAL B 98 47.17 13.70 1.05
N LYS B 99 46.05 14.24 0.58
CA LYS B 99 44.69 13.79 0.95
C LYS B 99 43.97 13.01 -0.15
N VAL B 100 44.19 11.70 -0.28
CA VAL B 100 43.52 10.85 -1.32
C VAL B 100 42.06 10.39 -0.99
N LYS B 101 41.17 10.48 -1.98
CA LYS B 101 39.79 10.07 -1.78
C LYS B 101 39.49 8.79 -2.52
N LEU B 102 38.90 7.87 -1.74
CA LEU B 102 38.48 6.55 -2.20
C LEU B 102 36.95 6.33 -2.21
N ILE B 103 36.54 5.69 -3.29
CA ILE B 103 35.18 5.32 -3.49
C ILE B 103 35.33 3.87 -3.89
N VAL B 104 34.65 3.02 -3.10
CA VAL B 104 34.59 1.57 -3.33
C VAL B 104 33.23 1.31 -4.03
N LEU B 105 33.29 0.65 -5.20
CA LEU B 105 32.10 0.45 -5.96
C LEU B 105 31.22 -0.78 -5.63
N VAL B 106 29.95 -0.48 -5.37
CA VAL B 106 29.01 -1.55 -5.06
C VAL B 106 27.79 -1.24 -5.94
N PRO B 107 27.44 -2.19 -6.83
CA PRO B 107 26.30 -2.07 -7.76
C PRO B 107 25.03 -1.89 -6.95
N PRO B 108 23.98 -1.30 -7.53
CA PRO B 108 22.81 -1.22 -6.63
C PRO B 108 22.01 -2.58 -6.49
N SER B 109 21.39 -2.80 -5.32
CA SER B 109 20.57 -3.98 -5.04
C SER B 109 19.11 -3.68 -5.33
N LYS B 110 18.22 -4.67 -5.26
CA LYS B 110 16.83 -4.35 -5.58
C LYS B 110 16.07 -3.37 -4.65
N PRO B 111 15.52 -2.32 -5.23
CA PRO B 111 14.79 -1.35 -4.41
C PRO B 111 13.48 -1.84 -3.73
N THR B 112 13.30 -1.51 -2.46
CA THR B 112 12.03 -1.88 -1.80
C THR B 112 11.11 -0.72 -2.03
N VAL B 113 9.87 -1.05 -2.37
CA VAL B 113 8.88 -0.07 -2.69
C VAL B 113 7.54 -0.17 -1.91
N ASN B 114 6.95 0.96 -1.66
CA ASN B 114 5.73 0.91 -0.94
C ASN B 114 4.70 1.70 -1.66
N ILE B 115 4.26 1.13 -2.75
CA ILE B 115 3.18 1.73 -3.46
C ILE B 115 1.96 1.13 -2.75
N PRO B 116 0.96 1.96 -2.51
CA PRO B 116 -0.18 1.36 -1.84
C PRO B 116 -1.24 1.00 -2.90
N SER B 117 -1.93 -0.11 -2.68
CA SER B 117 -2.97 -0.60 -3.57
C SER B 117 -3.92 0.47 -4.08
N SER B 118 -4.35 1.31 -3.16
CA SER B 118 -5.26 2.38 -3.50
C SER B 118 -5.01 3.67 -2.70
N ALA B 119 -5.71 4.74 -3.10
CA ALA B 119 -5.67 6.07 -2.45
C ALA B 119 -6.92 6.87 -2.92
N THR B 120 -7.39 7.79 -2.10
CA THR B 120 -8.59 8.50 -2.54
C THR B 120 -8.33 9.68 -3.45
N ILE B 121 -9.08 9.71 -4.54
CA ILE B 121 -9.03 10.78 -5.51
C ILE B 121 -9.05 12.13 -4.77
N GLY B 122 -7.95 12.85 -4.81
CA GLY B 122 -7.90 14.12 -4.10
C GLY B 122 -6.81 14.25 -3.04
N ASN B 123 -6.72 13.38 -2.06
CA ASN B 123 -5.70 13.58 -1.01
C ASN B 123 -4.28 13.19 -1.35
N ARG B 124 -3.35 13.54 -0.46
CA ARG B 124 -1.95 13.26 -0.73
C ARG B 124 -1.69 11.76 -0.96
N ALA B 125 -0.75 11.39 -1.82
CA ALA B 125 -0.46 9.99 -2.13
C ALA B 125 1.05 9.62 -2.20
N VAL B 126 1.68 9.43 -1.04
CA VAL B 126 3.13 9.13 -0.95
C VAL B 126 3.50 7.69 -1.37
N LEU B 127 4.36 7.52 -2.37
CA LEU B 127 4.81 6.19 -2.77
C LEU B 127 6.31 6.28 -2.50
N THR B 128 7.08 5.20 -2.63
CA THR B 128 8.52 5.27 -2.38
C THR B 128 9.36 4.18 -3.03
N CYS B 129 10.66 4.43 -3.10
CA CYS B 129 11.68 3.50 -3.65
C CYS B 129 12.86 3.79 -2.76
N SER B 130 13.80 2.86 -2.69
CA SER B 130 15.00 3.02 -1.90
C SER B 130 15.69 1.73 -2.16
N GLU B 131 16.98 1.76 -1.97
CA GLU B 131 17.86 0.66 -2.21
C GLU B 131 18.90 1.12 -1.17
N GLN B 132 19.90 0.30 -0.81
CA GLN B 132 20.87 0.70 0.22
C GLN B 132 22.08 -0.19 0.35
N ASP B 133 22.71 -0.49 -0.77
CA ASP B 133 23.93 -1.34 -0.74
C ASP B 133 24.92 -0.73 -1.79
N GLY B 134 24.28 -0.07 -2.75
CA GLY B 134 25.00 0.54 -3.83
C GLY B 134 25.81 1.74 -3.43
N SER B 135 27.05 1.75 -3.94
CA SER B 135 27.97 2.85 -3.71
C SER B 135 28.75 3.09 -5.00
N PRO B 136 28.66 4.34 -5.50
CA PRO B 136 27.87 5.40 -4.88
C PRO B 136 26.37 5.13 -4.83
N PRO B 137 25.63 5.96 -4.08
CA PRO B 137 24.18 5.92 -3.88
C PRO B 137 23.32 5.74 -5.11
N SER B 138 22.05 5.43 -4.90
CA SER B 138 21.19 5.23 -6.03
C SER B 138 20.42 6.48 -6.45
N GLU B 139 20.26 6.58 -7.75
CA GLU B 139 19.46 7.62 -8.30
C GLU B 139 18.34 6.64 -8.76
N TYR B 140 17.13 7.10 -8.54
CA TYR B 140 15.93 6.38 -8.80
C TYR B 140 15.17 6.88 -10.05
N THR B 141 14.51 5.97 -10.76
CA THR B 141 13.71 6.33 -11.95
C THR B 141 12.29 5.69 -11.92
N TRP B 142 11.28 6.46 -11.57
CA TRP B 142 9.92 5.98 -11.51
C TRP B 142 9.32 5.63 -12.88
N PHE B 143 8.42 4.67 -12.95
CA PHE B 143 7.79 4.32 -14.22
C PHE B 143 6.29 4.28 -14.03
N LYS B 144 5.53 4.13 -15.08
CA LYS B 144 4.10 4.05 -14.94
C LYS B 144 3.67 3.34 -16.19
N ASP B 145 3.32 2.07 -16.06
CA ASP B 145 2.97 1.30 -17.22
C ASP B 145 4.26 1.21 -18.03
N GLY B 146 5.39 1.36 -17.32
CA GLY B 146 6.72 1.31 -17.93
C GLY B 146 7.23 2.57 -18.64
N ILE B 147 6.45 3.65 -18.62
CA ILE B 147 6.77 4.89 -19.29
C ILE B 147 7.40 5.87 -18.30
N VAL B 148 8.76 5.94 -18.29
CA VAL B 148 9.56 6.80 -17.37
C VAL B 148 8.94 8.08 -16.90
N MET B 149 9.08 8.26 -15.61
CA MET B 149 8.55 9.42 -14.95
C MET B 149 9.35 10.74 -15.18
N PRO B 150 8.69 11.78 -15.77
CA PRO B 150 9.20 13.12 -16.08
C PRO B 150 9.34 13.80 -14.76
N THR B 151 10.57 14.03 -14.32
CA THR B 151 10.79 14.72 -13.07
C THR B 151 9.88 15.95 -12.97
N ASN B 152 9.48 16.51 -14.10
CA ASN B 152 8.58 17.65 -14.09
C ASN B 152 7.27 17.30 -14.81
N PRO B 153 6.27 16.90 -14.02
CA PRO B 153 4.90 16.49 -14.37
C PRO B 153 4.30 17.43 -15.39
N LYS B 154 4.24 18.69 -14.99
CA LYS B 154 3.74 19.75 -15.82
C LYS B 154 4.89 20.12 -16.74
N SER B 155 4.73 21.25 -17.42
CA SER B 155 5.73 21.74 -18.37
C SER B 155 5.50 20.84 -19.59
N THR B 156 4.37 21.05 -20.26
CA THR B 156 3.95 20.32 -21.46
C THR B 156 4.26 18.80 -21.65
N ARG B 157 4.75 18.10 -20.62
CA ARG B 157 5.04 16.65 -20.75
C ARG B 157 3.67 16.00 -21.01
N ALA B 158 3.65 14.76 -21.51
CA ALA B 158 2.37 14.06 -21.71
C ALA B 158 1.63 13.95 -20.35
N PHE B 159 2.31 14.34 -19.27
CA PHE B 159 1.86 14.35 -17.86
C PHE B 159 1.24 15.62 -17.21
N SER B 160 1.29 16.80 -17.83
CA SER B 160 0.67 17.99 -17.19
C SER B 160 -0.60 17.79 -16.29
N ASN B 161 -1.52 16.87 -16.67
CA ASN B 161 -2.77 16.58 -15.90
C ASN B 161 -2.55 15.93 -14.49
N SER B 162 -1.35 15.38 -14.30
CA SER B 162 -0.88 14.75 -13.07
C SER B 162 -0.38 15.90 -12.20
N SER B 163 -0.33 15.65 -10.90
CA SER B 163 0.07 16.62 -9.91
C SER B 163 1.20 16.11 -8.99
N TYR B 164 2.12 15.32 -9.55
CA TYR B 164 3.19 14.78 -8.70
C TYR B 164 4.44 15.60 -8.42
N VAL B 165 5.36 15.00 -7.67
CA VAL B 165 6.63 15.60 -7.30
C VAL B 165 7.51 14.41 -7.20
N LEU B 166 8.71 14.43 -7.72
CA LEU B 166 9.60 13.29 -7.68
C LEU B 166 10.78 13.71 -6.87
N ASN B 167 11.76 12.83 -6.70
CA ASN B 167 12.98 13.22 -6.01
C ASN B 167 14.02 12.18 -6.31
N PRO B 168 14.79 12.39 -7.37
CA PRO B 168 15.80 11.38 -7.74
C PRO B 168 16.72 10.79 -6.68
N THR B 169 16.62 11.25 -5.43
CA THR B 169 17.49 10.71 -4.37
C THR B 169 16.76 10.34 -3.06
N THR B 170 15.44 10.48 -3.04
CA THR B 170 14.61 10.11 -1.91
C THR B 170 13.73 9.02 -2.41
N GLY B 171 13.44 9.10 -3.71
CA GLY B 171 12.57 8.17 -4.43
C GLY B 171 11.14 8.52 -4.09
N GLU B 172 10.98 9.38 -3.11
CA GLU B 172 9.67 9.76 -2.67
C GLU B 172 8.88 10.30 -3.85
N LEU B 173 7.77 9.65 -4.17
CA LEU B 173 6.93 10.14 -5.24
C LEU B 173 5.64 10.59 -4.50
N VAL B 174 5.18 11.81 -4.74
CA VAL B 174 4.03 12.28 -3.96
C VAL B 174 2.90 12.98 -4.73
N PHE B 175 1.77 12.30 -4.90
CA PHE B 175 0.63 12.90 -5.61
C PHE B 175 -0.15 13.88 -4.71
N ASP B 176 -0.81 14.91 -5.29
CA ASP B 176 -1.47 15.92 -4.45
C ASP B 176 -2.13 17.07 -5.23
N PRO B 177 -3.42 16.96 -5.65
CA PRO B 177 -4.33 15.84 -5.48
C PRO B 177 -3.99 14.62 -6.30
N LEU B 178 -4.58 13.51 -5.89
CA LEU B 178 -4.42 12.28 -6.62
C LEU B 178 -5.59 12.36 -7.60
N SER B 179 -5.32 11.94 -8.83
CA SER B 179 -6.31 11.99 -9.86
C SER B 179 -6.64 10.58 -10.37
N ALA B 180 -7.89 10.42 -10.80
CA ALA B 180 -8.41 9.18 -11.38
C ALA B 180 -7.44 8.68 -12.48
N SER B 181 -6.79 9.67 -13.11
CA SER B 181 -5.82 9.51 -14.22
C SER B 181 -4.57 8.75 -13.80
N ASP B 182 -4.23 8.83 -12.50
CA ASP B 182 -3.02 8.21 -11.92
C ASP B 182 -3.03 6.68 -11.67
N THR B 183 -4.12 6.00 -12.04
CA THR B 183 -4.23 4.53 -11.93
C THR B 183 -3.12 3.90 -12.79
N GLY B 184 -2.15 3.22 -12.19
CA GLY B 184 -1.16 2.61 -13.04
C GLY B 184 -0.12 1.72 -12.41
N GLU B 185 0.35 0.78 -13.19
CA GLU B 185 1.39 -0.14 -12.74
C GLU B 185 2.76 0.61 -12.47
N TYR B 186 2.99 1.08 -11.22
CA TYR B 186 4.26 1.81 -10.83
C TYR B 186 5.43 0.96 -10.50
N SER B 187 6.65 1.44 -10.74
CA SER B 187 7.91 0.74 -10.45
C SER B 187 9.05 1.77 -10.42
N CYS B 188 10.28 1.32 -10.14
CA CYS B 188 11.45 2.17 -10.20
C CYS B 188 12.72 1.43 -10.23
N GLU B 189 13.61 1.91 -11.08
CA GLU B 189 14.92 1.32 -11.24
C GLU B 189 15.92 2.15 -10.42
N ALA B 190 16.94 1.51 -9.91
CA ALA B 190 17.87 2.25 -9.12
C ALA B 190 19.20 2.05 -9.80
N ARG B 191 19.83 3.17 -10.17
CA ARG B 191 21.15 3.12 -10.79
C ARG B 191 22.02 4.09 -10.05
N ASN B 192 23.27 3.73 -9.91
CA ASN B 192 24.21 4.58 -9.23
C ASN B 192 25.38 4.79 -10.21
N GLY B 193 25.12 4.53 -11.49
CA GLY B 193 26.16 4.62 -12.49
C GLY B 193 27.05 3.38 -12.49
N TYR B 194 26.88 2.49 -11.50
CA TYR B 194 27.72 1.28 -11.39
C TYR B 194 27.00 -0.09 -11.49
N GLY B 195 27.65 -1.04 -12.20
CA GLY B 195 27.11 -2.39 -12.39
C GLY B 195 25.94 -2.52 -13.37
N THR B 196 24.72 -2.73 -12.82
CA THR B 196 23.44 -2.87 -13.58
C THR B 196 22.32 -2.31 -12.72
N PRO B 197 21.42 -1.53 -13.31
CA PRO B 197 20.36 -1.04 -12.42
C PRO B 197 19.15 -1.98 -12.07
N MET B 198 18.93 -2.20 -10.78
CA MET B 198 17.83 -3.03 -10.32
C MET B 198 16.45 -2.35 -10.35
N THR B 199 15.45 -3.06 -10.91
CA THR B 199 14.06 -2.58 -10.95
C THR B 199 13.22 -3.27 -9.86
N SER B 200 12.46 -2.47 -9.17
CA SER B 200 11.61 -2.93 -8.11
C SER B 200 10.43 -3.74 -8.66
N ASN B 201 9.54 -4.10 -7.75
CA ASN B 201 8.32 -4.80 -8.11
C ASN B 201 7.32 -3.83 -8.70
N ALA B 202 6.74 -4.16 -9.84
CA ALA B 202 5.72 -3.26 -10.33
C ALA B 202 4.50 -3.44 -9.42
N VAL B 203 3.91 -2.33 -8.97
CA VAL B 203 2.74 -2.37 -8.09
C VAL B 203 1.56 -1.59 -8.68
N ARG B 204 0.51 -2.23 -9.15
CA ARG B 204 -0.62 -1.46 -9.66
C ARG B 204 -1.25 -0.63 -8.56
N MET B 205 -1.75 0.54 -8.91
CA MET B 205 -2.42 1.45 -7.97
C MET B 205 -3.69 2.06 -8.57
N GLU B 206 -4.81 2.06 -7.81
CA GLU B 206 -6.10 2.63 -8.29
C GLU B 206 -6.67 3.81 -7.50
N ALA B 207 -7.08 4.84 -8.22
CA ALA B 207 -7.61 6.03 -7.64
C ALA B 207 -9.06 5.78 -7.48
N VAL B 208 -9.47 5.59 -6.23
CA VAL B 208 -10.85 5.34 -5.91
C VAL B 208 -11.56 6.61 -5.42
N GLU B 209 -12.88 6.40 -5.36
CA GLU B 209 -13.99 7.31 -5.11
C GLU B 209 -13.89 8.74 -5.41
#